data_3ESW
#
_entry.id   3ESW
#
_cell.length_a   131.530
_cell.length_b   131.530
_cell.length_c   127.751
_cell.angle_alpha   90.000
_cell.angle_beta   90.000
_cell.angle_gamma   120.000
#
_symmetry.space_group_name_H-M   'P 31 2 1'
#
loop_
_entity.id
_entity.type
_entity.pdbx_description
1 polymer 'Peptide-N(4)-(N-acetyl-beta-glucosaminyl)asparagine amidase'
2 polymer 'UV excision repair protein RAD23'
3 branched 2-acetamido-2-deoxy-beta-D-glucopyranose-(1-4)-2-acetamido-2-deoxy-beta-D-glucopyranose
4 non-polymer 'ZINC ION'
5 water water
#
loop_
_entity_poly.entity_id
_entity_poly.type
_entity_poly.pdbx_seq_one_letter_code
_entity_poly.pdbx_strand_id
1 'polypeptide(L)'
;MGSSHHHHHHSSGLVPRGSHMNNIDFDSIAKMLLIKYKDFILSKFKKAAPVENIRFQNLVHTNQFAQGVLGQSQHLCTVY
DNPSWHSIVLETLDLDLIYKNVDKEFAKDGHAEGENIYTDYLVKELLRYFKQDFFKWCNKPDCNHCGQNTSENMTPLGSQ
GPNGEESKFNCGTVEIYKCNRCGNITRFPRYNDPIKLLETRKGR(YCM)GEWCNLFTLILKSFGLDVRYVWNREDHVWCE
YFSNFLNRWVHVDSCEQSFDQPYIYSINWNKKMSYCIAFGKDGVVDVSKRYILQNELPRDQIKEEDLKFLCQFITKRLRY
SLNDDEIYQLACRDEQEQIELIRGKTQETKSESVSAASK
;
A
2 'polypeptide(L)' SIGLTVEDLLSLRQVVSGNPEALAPLLENISARYPQLREHIMANPEVFVSMLLEA B
#
# COMPACT_ATOMS: atom_id res chain seq x y z
N SER A 11 6.55 -16.25 -67.67
CA SER A 11 7.11 -17.15 -66.62
C SER A 11 6.01 -17.91 -65.87
N SER A 12 5.18 -17.15 -65.11
CA SER A 12 4.14 -17.70 -64.21
C SER A 12 2.75 -17.72 -64.84
N GLY A 13 1.93 -18.72 -64.50
CA GLY A 13 1.92 -19.37 -63.21
C GLY A 13 2.73 -20.59 -62.78
N LEU A 14 3.97 -20.35 -62.39
CA LEU A 14 4.48 -20.95 -61.18
C LEU A 14 4.09 -19.89 -60.15
N VAL A 15 3.96 -20.23 -58.88
CA VAL A 15 3.52 -19.21 -57.92
C VAL A 15 4.76 -18.52 -57.32
N PRO A 16 4.90 -17.21 -57.53
CA PRO A 16 5.97 -16.46 -56.89
C PRO A 16 6.06 -16.74 -55.41
N ARG A 17 7.25 -16.74 -54.83
CA ARG A 17 7.42 -17.14 -53.43
C ARG A 17 7.28 -15.94 -52.45
N GLY A 18 7.59 -14.76 -52.97
CA GLY A 18 7.80 -13.58 -52.13
C GLY A 18 9.28 -13.56 -51.75
N SER A 19 9.58 -13.22 -50.49
CA SER A 19 10.94 -13.42 -49.93
C SER A 19 10.91 -14.39 -48.70
N HIS A 20 10.04 -14.12 -47.74
CA HIS A 20 9.80 -15.00 -46.61
C HIS A 20 8.25 -15.12 -46.46
N MET A 21 7.78 -16.11 -45.69
CA MET A 21 6.36 -16.42 -45.55
C MET A 21 5.52 -15.29 -44.90
N ASN A 22 4.40 -15.69 -44.29
CA ASN A 22 3.77 -14.96 -43.18
C ASN A 22 4.79 -14.69 -42.03
N ASN A 23 5.62 -13.66 -42.22
CA ASN A 23 6.38 -13.08 -41.11
C ASN A 23 5.35 -12.36 -40.21
N ILE A 24 4.93 -13.06 -39.15
CA ILE A 24 3.74 -12.68 -38.38
C ILE A 24 4.05 -11.47 -37.51
N ASP A 25 3.27 -10.42 -37.69
CA ASP A 25 3.65 -9.13 -37.15
C ASP A 25 3.23 -9.07 -35.71
N PHE A 26 4.21 -9.12 -34.83
CA PHE A 26 3.95 -9.03 -33.42
C PHE A 26 3.81 -7.58 -33.04
N ASP A 27 4.82 -6.76 -33.35
CA ASP A 27 4.76 -5.34 -33.08
C ASP A 27 3.41 -4.71 -33.41
N SER A 28 2.80 -5.20 -34.47
CA SER A 28 1.44 -4.83 -34.80
C SER A 28 0.50 -5.32 -33.72
N ILE A 29 0.50 -6.62 -33.51
CA ILE A 29 -0.45 -7.19 -32.57
C ILE A 29 -0.16 -6.78 -31.11
N ALA A 30 1.08 -6.40 -30.82
CA ALA A 30 1.48 -5.93 -29.49
C ALA A 30 0.91 -4.54 -29.22
N LYS A 31 1.20 -3.60 -30.11
CA LYS A 31 0.67 -2.23 -30.03
C LYS A 31 -0.87 -2.25 -29.98
N MET A 32 -1.44 -3.09 -30.85
CA MET A 32 -2.81 -3.53 -30.72
C MET A 32 -2.81 -4.46 -29.51
N LEU A 33 -3.83 -4.37 -28.66
CA LEU A 33 -3.95 -5.13 -27.40
C LEU A 33 -3.76 -4.11 -26.29
N LEU A 34 -2.56 -3.54 -26.23
CA LEU A 34 -2.29 -2.47 -25.28
C LEU A 34 -3.48 -1.51 -25.37
N ILE A 35 -3.93 -1.30 -26.60
CA ILE A 35 -5.14 -0.54 -26.87
C ILE A 35 -6.35 -1.25 -26.26
N LYS A 36 -6.53 -2.51 -26.61
CA LYS A 36 -7.68 -3.26 -26.14
C LYS A 36 -7.74 -3.38 -24.61
N TYR A 37 -6.59 -3.66 -24.02
CA TYR A 37 -6.41 -3.71 -22.57
C TYR A 37 -7.02 -2.48 -21.91
N LYS A 38 -6.49 -1.31 -22.26
CA LYS A 38 -6.95 -0.05 -21.72
C LYS A 38 -8.47 0.07 -21.66
N ASP A 39 -9.18 -0.52 -22.62
CA ASP A 39 -10.66 -0.49 -22.62
C ASP A 39 -11.22 -1.43 -21.58
N PHE A 40 -10.56 -2.58 -21.47
CA PHE A 40 -10.83 -3.59 -20.44
C PHE A 40 -10.66 -2.99 -19.06
N ILE A 41 -9.62 -2.18 -18.87
CA ILE A 41 -9.31 -1.58 -17.57
C ILE A 41 -10.34 -0.49 -17.29
N LEU A 42 -10.53 0.43 -18.23
CA LEU A 42 -11.43 1.55 -18.04
C LEU A 42 -12.87 1.08 -17.85
N SER A 43 -13.18 -0.11 -18.36
CA SER A 43 -14.48 -0.70 -18.12
C SER A 43 -14.59 -1.18 -16.68
N LYS A 44 -13.61 -1.97 -16.25
CA LYS A 44 -13.56 -2.51 -14.88
C LYS A 44 -13.88 -1.41 -13.85
N PHE A 45 -13.19 -0.28 -13.95
CA PHE A 45 -13.33 0.79 -12.97
C PHE A 45 -14.42 1.75 -13.37
N LYS A 46 -15.63 1.21 -13.50
CA LYS A 46 -16.80 1.97 -13.95
C LYS A 46 -17.96 1.79 -12.94
N LYS A 47 -19.14 2.24 -13.36
CA LYS A 47 -20.46 1.95 -12.75
C LYS A 47 -20.52 1.70 -11.21
N ALA A 48 -20.50 0.43 -10.80
CA ALA A 48 -21.09 -0.07 -9.54
C ALA A 48 -22.48 -0.62 -9.87
N ALA A 49 -22.57 -1.41 -10.95
CA ALA A 49 -23.81 -2.06 -11.33
C ALA A 49 -24.39 -2.75 -10.10
N PRO A 50 -25.61 -2.34 -9.64
CA PRO A 50 -26.25 -2.82 -8.38
C PRO A 50 -26.18 -4.33 -8.07
N VAL A 51 -25.93 -5.16 -9.08
CA VAL A 51 -25.57 -6.59 -8.93
C VAL A 51 -24.60 -6.81 -7.76
N GLU A 52 -23.33 -6.45 -8.02
CA GLU A 52 -22.24 -6.55 -7.05
C GLU A 52 -22.40 -5.60 -5.86
N ASN A 53 -23.35 -4.69 -5.94
CA ASN A 53 -23.62 -3.81 -4.84
C ASN A 53 -24.20 -4.58 -3.68
N ILE A 54 -25.15 -5.48 -3.93
CA ILE A 54 -25.72 -6.30 -2.84
C ILE A 54 -24.61 -7.17 -2.27
N ARG A 55 -23.91 -7.88 -3.15
CA ARG A 55 -22.72 -8.64 -2.76
C ARG A 55 -21.97 -7.90 -1.69
N PHE A 56 -21.72 -6.61 -1.91
CA PHE A 56 -21.07 -5.75 -0.92
C PHE A 56 -21.93 -5.49 0.33
N GLN A 57 -23.01 -4.72 0.17
CA GLN A 57 -23.92 -4.35 1.29
C GLN A 57 -24.18 -5.54 2.20
N ASN A 58 -24.24 -6.70 1.56
CA ASN A 58 -24.51 -7.97 2.19
C ASN A 58 -23.30 -8.59 2.90
N LEU A 59 -22.22 -8.85 2.16
CA LEU A 59 -20.96 -9.36 2.74
C LEU A 59 -20.56 -8.61 3.99
N VAL A 60 -20.84 -7.31 4.04
CA VAL A 60 -20.57 -6.52 5.23
C VAL A 60 -21.51 -6.88 6.41
N HIS A 61 -22.41 -7.84 6.18
CA HIS A 61 -23.30 -8.39 7.23
C HIS A 61 -23.10 -9.90 7.46
N THR A 62 -22.69 -10.65 6.43
CA THR A 62 -22.18 -12.03 6.61
C THR A 62 -21.06 -12.00 7.65
N ASN A 63 -20.16 -11.04 7.46
CA ASN A 63 -18.79 -11.13 7.94
C ASN A 63 -18.38 -9.83 8.59
N GLN A 64 -17.76 -9.91 9.76
CA GLN A 64 -17.28 -8.71 10.44
C GLN A 64 -15.86 -8.32 10.01
N PHE A 65 -15.03 -9.30 9.67
CA PHE A 65 -13.73 -8.98 9.06
C PHE A 65 -13.93 -8.10 7.86
N ALA A 66 -15.07 -8.25 7.20
CA ALA A 66 -15.46 -7.31 6.16
C ALA A 66 -15.77 -5.94 6.76
N GLN A 67 -16.81 -5.87 7.58
CA GLN A 67 -17.17 -4.62 8.26
C GLN A 67 -15.95 -3.96 8.85
N GLY A 68 -14.98 -4.75 9.26
CA GLY A 68 -13.75 -4.24 9.85
C GLY A 68 -12.92 -3.47 8.86
N VAL A 69 -12.72 -4.07 7.70
CA VAL A 69 -11.98 -3.40 6.64
C VAL A 69 -12.79 -2.22 6.13
N LEU A 70 -14.11 -2.37 6.01
CA LEU A 70 -14.93 -1.29 5.48
C LEU A 70 -14.78 -0.09 6.37
N GLY A 71 -15.05 -0.30 7.66
CA GLY A 71 -14.89 0.76 8.66
C GLY A 71 -13.56 1.47 8.56
N GLN A 72 -12.47 0.69 8.59
CA GLN A 72 -11.14 1.27 8.54
C GLN A 72 -10.91 2.07 7.27
N SER A 73 -11.42 1.57 6.15
CA SER A 73 -11.25 2.28 4.89
C SER A 73 -11.74 3.72 5.07
N GLN A 74 -12.86 3.82 5.79
CA GLN A 74 -13.55 5.06 5.97
C GLN A 74 -12.78 5.99 6.89
N HIS A 75 -12.15 5.44 7.90
CA HIS A 75 -11.38 6.26 8.81
C HIS A 75 -10.01 6.59 8.26
N LEU A 76 -9.46 5.78 7.36
CA LEU A 76 -8.02 5.81 7.02
C LEU A 76 -7.59 6.25 5.62
N CYS A 77 -8.51 6.25 4.65
CA CYS A 77 -8.12 6.49 3.25
C CYS A 77 -8.10 7.97 2.90
N THR A 78 -9.25 8.61 3.03
CA THR A 78 -9.34 10.07 2.87
C THR A 78 -8.61 10.91 3.96
N VAL A 79 -8.50 10.42 5.18
CA VAL A 79 -8.28 11.33 6.31
C VAL A 79 -7.00 12.16 6.34
N TYR A 80 -5.94 11.62 5.74
CA TYR A 80 -4.62 12.27 5.83
C TYR A 80 -4.38 13.19 4.66
N ASP A 81 -5.39 13.36 3.81
CA ASP A 81 -5.30 14.29 2.72
C ASP A 81 -5.99 15.48 3.26
N ASN A 82 -5.28 16.35 3.97
CA ASN A 82 -5.89 17.51 4.59
C ASN A 82 -4.96 18.70 4.73
N PRO A 83 -4.96 19.56 3.72
CA PRO A 83 -4.09 20.70 3.61
C PRO A 83 -3.86 21.42 4.90
N SER A 84 -4.95 21.65 5.64
CA SER A 84 -4.88 22.38 6.89
C SER A 84 -3.91 21.69 7.79
N TRP A 85 -4.08 20.37 7.92
CA TRP A 85 -3.18 19.55 8.69
C TRP A 85 -1.76 19.63 8.15
N HIS A 86 -1.62 19.35 6.85
CA HIS A 86 -0.32 19.20 6.23
C HIS A 86 0.50 20.41 6.53
N SER A 87 -0.13 21.56 6.45
CA SER A 87 0.56 22.78 6.74
C SER A 87 1.04 22.81 8.17
N ILE A 88 0.12 22.65 9.12
CA ILE A 88 0.48 22.63 10.57
C ILE A 88 1.66 21.74 10.88
N VAL A 89 1.66 20.54 10.32
CA VAL A 89 2.75 19.62 10.56
C VAL A 89 4.01 20.22 10.03
N LEU A 90 3.92 20.89 8.90
CA LEU A 90 5.12 21.43 8.28
C LEU A 90 5.65 22.62 9.07
N GLU A 91 4.75 23.51 9.50
CA GLU A 91 5.09 24.55 10.44
C GLU A 91 5.89 23.90 11.55
N THR A 92 5.29 22.86 12.14
CA THR A 92 5.74 22.29 13.42
C THR A 92 7.05 21.54 13.33
N LEU A 93 7.27 20.78 12.26
CA LEU A 93 8.52 20.04 12.13
C LEU A 93 9.67 21.01 11.88
N ASP A 94 10.89 20.57 12.20
CA ASP A 94 12.09 21.35 11.91
C ASP A 94 12.63 21.01 10.52
N LEU A 95 12.07 21.67 9.52
CA LEU A 95 12.37 21.36 8.15
C LEU A 95 13.80 21.70 7.84
N ASP A 96 14.29 22.78 8.43
CA ASP A 96 15.68 23.17 8.25
C ASP A 96 16.58 22.00 8.53
N LEU A 97 16.37 21.42 9.70
CA LEU A 97 17.15 20.28 10.15
C LEU A 97 16.95 19.06 9.25
N ILE A 98 15.70 18.75 8.91
CA ILE A 98 15.42 17.55 8.15
C ILE A 98 16.14 17.64 6.82
N TYR A 99 15.84 18.71 6.11
CA TYR A 99 16.32 18.87 4.75
C TYR A 99 17.82 19.07 4.72
N LYS A 100 18.42 19.48 5.84
CA LYS A 100 19.87 19.64 5.89
C LYS A 100 20.49 18.28 5.84
N ASN A 101 20.02 17.40 6.72
CA ASN A 101 20.59 16.06 6.83
C ASN A 101 20.32 15.32 5.54
N VAL A 102 19.09 15.41 5.04
CA VAL A 102 18.76 14.79 3.77
C VAL A 102 19.75 15.25 2.73
N ASP A 103 20.03 16.55 2.71
CA ASP A 103 20.99 17.09 1.76
C ASP A 103 22.40 16.57 2.03
N LYS A 104 22.79 16.47 3.30
CA LYS A 104 24.11 15.96 3.66
C LYS A 104 24.32 14.51 3.19
N GLU A 105 23.27 13.70 3.23
CA GLU A 105 23.37 12.31 2.81
C GLU A 105 23.24 12.15 1.30
N PHE A 106 22.63 13.12 0.65
CA PHE A 106 22.63 13.12 -0.79
C PHE A 106 24.05 13.42 -1.23
N ALA A 107 24.75 14.24 -0.44
CA ALA A 107 26.14 14.63 -0.70
C ALA A 107 27.01 13.41 -0.92
N LYS A 108 27.28 12.65 0.14
CA LYS A 108 27.89 11.31 0.03
C LYS A 108 27.06 10.53 -1.03
N ASP A 109 27.56 10.47 -2.26
CA ASP A 109 26.70 10.34 -3.47
C ASP A 109 25.38 9.57 -3.25
N GLY A 110 24.32 10.07 -3.87
CA GLY A 110 23.04 9.38 -3.91
C GLY A 110 22.88 8.71 -5.26
N HIS A 111 23.18 7.40 -5.29
CA HIS A 111 23.27 6.56 -6.52
C HIS A 111 23.77 7.32 -7.80
N ALA A 112 24.36 6.57 -8.74
CA ALA A 112 24.63 7.07 -10.11
C ALA A 112 23.36 7.81 -10.61
N GLU A 113 22.24 7.08 -10.70
CA GLU A 113 20.90 7.65 -10.98
C GLU A 113 20.25 8.24 -9.71
N GLY A 114 20.49 9.54 -9.45
CA GLY A 114 19.73 10.30 -8.43
C GLY A 114 18.25 10.48 -8.84
N GLU A 115 17.64 9.38 -9.29
CA GLU A 115 16.48 9.37 -10.18
C GLU A 115 15.20 9.28 -9.36
N ASN A 116 14.95 10.36 -8.61
CA ASN A 116 13.96 10.40 -7.55
C ASN A 116 14.47 9.68 -6.31
N ILE A 117 15.77 9.50 -6.22
CA ILE A 117 16.31 8.83 -5.05
C ILE A 117 16.20 9.82 -3.91
N TYR A 118 16.30 11.12 -4.19
CA TYR A 118 16.17 12.12 -3.13
C TYR A 118 15.00 11.77 -2.21
N THR A 119 13.87 11.45 -2.83
CA THR A 119 12.64 11.14 -2.10
C THR A 119 12.86 10.06 -1.04
N ASP A 120 13.65 9.05 -1.39
CA ASP A 120 13.93 7.97 -0.49
C ASP A 120 14.79 8.45 0.64
N TYR A 121 15.81 9.22 0.33
CA TYR A 121 16.66 9.75 1.39
C TYR A 121 15.88 10.62 2.35
N LEU A 122 14.86 11.32 1.85
CA LEU A 122 13.96 12.12 2.69
C LEU A 122 13.20 11.23 3.65
N VAL A 123 12.51 10.24 3.13
CA VAL A 123 11.72 9.35 3.97
C VAL A 123 12.62 8.83 5.08
N LYS A 124 13.74 8.23 4.72
CA LYS A 124 14.69 7.72 5.70
C LYS A 124 15.05 8.71 6.79
N GLU A 125 15.33 9.94 6.39
CA GLU A 125 15.69 10.94 7.37
C GLU A 125 14.52 11.38 8.22
N LEU A 126 13.31 11.34 7.67
CA LEU A 126 12.13 11.60 8.48
C LEU A 126 12.01 10.53 9.55
N LEU A 127 12.21 9.28 9.18
CA LEU A 127 12.20 8.22 10.19
C LEU A 127 13.10 8.58 11.37
N ARG A 128 14.33 8.96 11.05
CA ARG A 128 15.34 9.28 12.05
C ARG A 128 14.94 10.47 12.95
N TYR A 129 14.49 11.53 12.33
CA TYR A 129 14.03 12.69 13.07
C TYR A 129 12.89 12.24 13.98
N PHE A 130 11.95 11.50 13.42
CA PHE A 130 10.78 11.18 14.18
C PHE A 130 11.14 10.45 15.45
N LYS A 131 12.16 9.60 15.37
CA LYS A 131 12.40 8.60 16.39
C LYS A 131 13.48 9.11 17.34
N GLN A 132 14.63 9.46 16.78
CA GLN A 132 15.70 10.04 17.57
C GLN A 132 15.29 11.36 18.20
N ASP A 133 14.38 12.09 17.56
CA ASP A 133 14.18 13.49 17.94
C ASP A 133 12.80 13.88 18.25
N PHE A 134 11.82 13.46 17.49
CA PHE A 134 10.57 14.19 17.59
C PHE A 134 9.65 13.63 18.63
N PHE A 135 9.38 12.33 18.54
CA PHE A 135 8.27 11.65 19.23
C PHE A 135 8.86 10.64 20.23
N LYS A 136 8.13 10.25 21.26
CA LYS A 136 8.73 9.44 22.32
C LYS A 136 7.76 8.36 22.82
N TRP A 137 8.29 7.18 23.13
CA TRP A 137 7.45 6.00 23.45
C TRP A 137 6.88 6.07 24.82
N CYS A 138 5.70 5.53 25.02
CA CYS A 138 5.13 5.61 26.35
C CYS A 138 4.36 4.36 26.77
N ASN A 139 4.97 3.53 27.61
CA ASN A 139 4.30 2.36 28.18
C ASN A 139 3.42 2.81 29.30
N LYS A 140 3.94 3.02 30.50
CA LYS A 140 3.19 3.79 31.48
C LYS A 140 3.70 5.21 31.33
N PRO A 141 2.90 6.22 31.70
CA PRO A 141 3.39 7.58 31.58
C PRO A 141 4.27 8.01 32.77
N ASP A 142 5.08 9.04 32.59
CA ASP A 142 5.76 9.67 33.72
C ASP A 142 4.75 10.35 34.61
N CYS A 143 5.21 10.62 35.82
CA CYS A 143 4.38 11.19 36.84
C CYS A 143 4.35 12.67 36.64
N ASN A 144 3.15 13.24 36.60
CA ASN A 144 3.00 14.63 36.18
C ASN A 144 3.58 15.61 37.14
N HIS A 145 3.62 15.21 38.41
CA HIS A 145 4.12 16.07 39.46
C HIS A 145 5.55 15.69 39.90
N CYS A 146 5.86 14.39 39.99
CA CYS A 146 7.25 13.98 40.27
C CYS A 146 8.03 14.26 39.01
N GLY A 147 9.31 13.91 38.99
CA GLY A 147 10.16 14.16 37.81
C GLY A 147 9.73 13.60 36.45
N GLN A 148 10.64 13.68 35.48
CA GLN A 148 10.40 13.06 34.19
C GLN A 148 10.67 11.58 34.33
N ASN A 149 11.93 11.16 34.37
CA ASN A 149 12.24 9.72 34.35
C ASN A 149 11.71 9.02 35.61
N THR A 150 10.54 8.41 35.51
CA THR A 150 9.73 8.18 36.70
C THR A 150 8.46 7.35 36.52
N SER A 151 8.44 6.38 35.64
CA SER A 151 7.19 5.68 35.28
C SER A 151 6.93 4.41 36.09
N GLU A 152 7.97 3.77 36.59
CA GLU A 152 7.87 2.38 37.09
C GLU A 152 7.48 2.38 38.57
N ASN A 153 6.95 3.52 39.01
CA ASN A 153 6.31 3.66 40.32
C ASN A 153 4.91 4.25 40.10
N MET A 154 4.34 3.90 38.95
CA MET A 154 2.95 4.19 38.61
C MET A 154 2.27 2.87 38.55
N THR A 155 1.21 2.69 39.30
CA THR A 155 0.39 1.52 39.14
C THR A 155 -0.93 2.02 38.59
N PRO A 156 -1.50 1.29 37.61
CA PRO A 156 -2.65 1.72 36.85
C PRO A 156 -3.99 1.36 37.45
N LEU A 157 -4.93 2.31 37.47
CA LEU A 157 -6.29 2.06 37.99
C LEU A 157 -7.30 2.01 36.83
N GLY A 158 -6.87 1.45 35.72
CA GLY A 158 -7.77 1.25 34.62
C GLY A 158 -7.95 2.43 33.70
N SER A 159 -9.11 2.47 33.08
CA SER A 159 -9.33 3.25 31.89
C SER A 159 -10.67 3.85 32.07
N GLN A 160 -10.90 4.93 31.34
CA GLN A 160 -12.16 5.62 31.42
C GLN A 160 -12.27 6.71 30.38
N GLY A 161 -13.47 7.28 30.25
CA GLY A 161 -13.79 8.20 29.18
C GLY A 161 -13.05 9.51 29.31
N PRO A 162 -13.03 10.28 28.21
CA PRO A 162 -12.29 11.50 28.21
C PRO A 162 -13.04 12.53 28.99
N ASN A 163 -12.31 13.43 29.64
CA ASN A 163 -12.91 14.60 30.22
C ASN A 163 -13.26 15.60 29.12
N GLY A 164 -13.88 16.71 29.51
CA GLY A 164 -14.26 17.74 28.55
C GLY A 164 -13.15 18.11 27.59
N GLU A 165 -12.02 18.57 28.13
CA GLU A 165 -10.88 19.03 27.32
C GLU A 165 -10.41 17.98 26.30
N GLU A 166 -9.88 16.87 26.77
CA GLU A 166 -9.38 15.83 25.91
C GLU A 166 -10.46 15.18 25.02
N SER A 167 -11.72 15.50 25.26
CA SER A 167 -12.79 15.03 24.39
C SER A 167 -12.69 15.64 22.99
N LYS A 168 -12.10 16.82 22.94
CA LYS A 168 -11.97 17.59 21.71
C LYS A 168 -11.16 16.85 20.69
N PHE A 169 -10.20 16.07 21.18
CA PHE A 169 -9.19 15.50 20.30
C PHE A 169 -9.45 14.07 19.88
N ASN A 170 -10.74 13.73 19.78
CA ASN A 170 -11.15 12.46 19.27
C ASN A 170 -10.51 11.41 20.14
N CYS A 171 -10.99 11.29 21.36
CA CYS A 171 -10.38 10.40 22.32
C CYS A 171 -11.44 9.52 22.90
N GLY A 172 -11.11 8.25 23.06
CA GLY A 172 -12.09 7.28 23.55
C GLY A 172 -11.76 6.86 24.94
N THR A 173 -10.50 6.53 25.16
CA THR A 173 -10.07 5.99 26.41
C THR A 173 -8.99 6.86 26.98
N VAL A 174 -9.10 7.12 28.27
CA VAL A 174 -8.03 7.74 28.99
C VAL A 174 -7.61 6.76 30.07
N GLU A 175 -6.40 6.21 29.89
CA GLU A 175 -5.78 5.38 30.91
C GLU A 175 -5.31 6.28 32.04
N ILE A 176 -5.71 5.96 33.27
CA ILE A 176 -5.32 6.76 34.43
C ILE A 176 -4.39 5.92 35.29
N TYR A 177 -3.52 6.59 36.03
CA TYR A 177 -2.41 5.94 36.73
C TYR A 177 -2.15 6.67 38.03
N LYS A 178 -1.81 5.93 39.08
CA LYS A 178 -1.53 6.50 40.39
C LYS A 178 -0.04 6.40 40.66
N CYS A 179 0.51 7.49 41.17
CA CYS A 179 1.93 7.60 41.49
C CYS A 179 2.08 7.22 42.93
N ASN A 180 2.74 6.08 43.20
CA ASN A 180 2.87 5.61 44.58
C ASN A 180 3.78 6.49 45.39
N ARG A 181 4.65 7.26 44.74
CA ARG A 181 5.59 8.10 45.48
C ARG A 181 5.05 9.49 45.87
N CYS A 182 3.88 9.87 45.36
CA CYS A 182 3.29 11.19 45.63
C CYS A 182 1.77 11.23 45.70
N GLY A 183 1.11 10.24 45.12
CA GLY A 183 -0.34 10.11 45.25
C GLY A 183 -1.15 10.79 44.18
N ASN A 184 -0.54 11.67 43.38
CA ASN A 184 -1.26 12.26 42.26
C ASN A 184 -1.46 11.28 41.10
N ILE A 185 -2.39 11.64 40.23
CA ILE A 185 -2.84 10.74 39.19
C ILE A 185 -2.48 11.32 37.84
N THR A 186 -1.43 10.82 37.22
CA THR A 186 -1.19 11.14 35.81
C THR A 186 -2.16 10.34 34.95
N ARG A 187 -2.67 10.98 33.91
CA ARG A 187 -3.55 10.33 32.93
C ARG A 187 -2.91 10.35 31.53
N PHE A 188 -3.36 9.43 30.68
CA PHE A 188 -2.75 9.17 29.39
C PHE A 188 -3.87 9.05 28.38
N PRO A 189 -4.29 10.18 27.84
CA PRO A 189 -5.44 10.05 26.97
C PRO A 189 -4.94 9.42 25.71
N ARG A 190 -5.82 8.71 25.02
CA ARG A 190 -5.44 8.05 23.79
C ARG A 190 -6.19 8.68 22.61
N TYR A 191 -5.50 9.61 21.96
CA TYR A 191 -6.08 10.46 20.94
C TYR A 191 -6.05 9.86 19.53
N ASN A 192 -6.92 10.31 18.65
CA ASN A 192 -6.82 9.93 17.23
C ASN A 192 -6.53 11.12 16.33
N ASP A 193 -6.74 12.31 16.87
CA ASP A 193 -6.42 13.56 16.19
C ASP A 193 -4.90 13.66 16.08
N PRO A 194 -4.37 13.42 14.90
CA PRO A 194 -2.94 13.41 14.85
C PRO A 194 -2.34 14.80 15.09
N ILE A 195 -3.10 15.88 14.88
CA ILE A 195 -2.57 17.21 15.21
C ILE A 195 -2.38 17.34 16.71
N LYS A 196 -3.16 16.62 17.50
CA LYS A 196 -2.95 16.70 18.94
C LYS A 196 -1.61 16.09 19.33
N LEU A 197 -1.28 15.00 18.63
CA LEU A 197 -0.07 14.23 18.87
C LEU A 197 1.14 15.09 18.65
N LEU A 198 1.11 15.92 17.61
CA LEU A 198 2.16 16.90 17.38
C LEU A 198 2.52 17.67 18.68
N GLU A 199 1.51 17.91 19.51
CA GLU A 199 1.74 18.56 20.78
C GLU A 199 2.23 17.59 21.81
N THR A 200 1.52 16.48 22.05
CA THR A 200 1.86 15.57 23.16
C THR A 200 3.14 14.81 22.91
N ARG A 201 3.44 14.55 21.64
CA ARG A 201 4.67 13.88 21.20
C ARG A 201 5.02 12.62 21.92
N LYS A 202 4.03 11.75 22.12
CA LYS A 202 4.28 10.51 22.79
C LYS A 202 3.14 9.53 22.57
N GLY A 203 3.49 8.26 22.55
CA GLY A 203 2.50 7.20 22.54
C GLY A 203 3.08 5.87 22.15
N ARG A 204 2.20 5.04 21.60
CA ARG A 204 2.50 3.62 21.37
C ARG A 204 2.19 3.23 19.96
N GLY A 206 -0.08 2.24 17.06
CA GLY A 206 -0.99 3.30 17.33
C GLY A 206 -0.87 4.73 16.83
N GLU A 207 -0.28 5.57 17.67
CA GLU A 207 -0.34 6.99 17.46
C GLU A 207 0.93 7.42 16.79
N TRP A 208 2.02 6.78 17.20
CA TRP A 208 3.23 6.70 16.43
C TRP A 208 2.94 6.59 14.91
N CYS A 209 2.12 5.63 14.54
CA CYS A 209 1.78 5.41 13.16
C CYS A 209 0.83 6.49 12.58
N ASN A 210 -0.20 6.87 13.36
CA ASN A 210 -1.16 7.93 12.95
C ASN A 210 -0.37 9.13 12.53
N LEU A 211 0.44 9.66 13.44
CA LEU A 211 1.20 10.87 13.14
C LEU A 211 2.16 10.62 11.99
N PHE A 212 2.87 9.49 12.00
CA PHE A 212 3.85 9.30 10.94
C PHE A 212 3.27 9.17 9.54
N THR A 213 2.10 8.55 9.40
CA THR A 213 1.41 8.59 8.12
C THR A 213 1.17 10.03 7.72
N LEU A 214 0.51 10.79 8.58
CA LEU A 214 0.23 12.17 8.24
C LEU A 214 1.49 12.91 7.83
N ILE A 215 2.60 12.72 8.58
CA ILE A 215 3.86 13.38 8.27
C ILE A 215 4.28 13.02 6.89
N LEU A 216 4.22 11.74 6.55
CA LEU A 216 4.67 11.37 5.20
C LEU A 216 3.78 12.08 4.19
N LYS A 217 2.46 12.05 4.42
CA LYS A 217 1.54 12.71 3.53
C LYS A 217 1.76 14.21 3.37
N SER A 218 2.33 14.84 4.39
CA SER A 218 2.52 16.28 4.35
C SER A 218 3.70 16.67 3.49
N PHE A 219 4.53 15.72 3.08
CA PHE A 219 5.52 16.02 2.04
C PHE A 219 5.02 15.55 0.70
N GLY A 220 3.72 15.38 0.63
CA GLY A 220 3.10 15.01 -0.62
C GLY A 220 3.60 13.70 -1.15
N LEU A 221 4.09 12.83 -0.28
CA LEU A 221 4.41 11.50 -0.71
C LEU A 221 3.11 10.72 -0.92
N ASP A 222 3.24 9.57 -1.56
CA ASP A 222 2.13 8.66 -1.77
C ASP A 222 2.27 7.63 -0.66
N VAL A 223 1.31 7.59 0.27
CA VAL A 223 1.51 6.90 1.55
C VAL A 223 0.35 5.97 1.85
N ARG A 224 0.59 4.94 2.66
CA ARG A 224 -0.48 4.06 3.14
C ARG A 224 -0.33 3.63 4.61
N TYR A 225 -1.47 3.30 5.20
CA TYR A 225 -1.58 2.75 6.54
C TYR A 225 -1.71 1.24 6.39
N VAL A 226 -0.76 0.49 6.93
CA VAL A 226 -0.81 -0.96 6.88
C VAL A 226 -1.32 -1.45 8.21
N TRP A 227 -2.28 -2.36 8.19
CA TRP A 227 -2.90 -2.88 9.40
C TRP A 227 -2.77 -4.41 9.51
N ASN A 228 -2.06 -4.85 10.53
CA ASN A 228 -1.92 -6.27 10.81
C ASN A 228 -2.96 -6.60 11.89
N ARG A 229 -3.70 -7.67 11.67
CA ARG A 229 -4.73 -8.04 12.59
C ARG A 229 -4.16 -8.44 13.92
N GLU A 230 -2.92 -8.88 13.97
CA GLU A 230 -2.32 -9.20 15.25
C GLU A 230 -1.58 -7.98 15.81
N ASP A 231 -2.35 -6.91 15.96
CA ASP A 231 -2.02 -5.68 16.69
C ASP A 231 -0.67 -5.03 16.38
N HIS A 232 -0.49 -4.64 15.14
CA HIS A 232 0.54 -3.69 14.78
C HIS A 232 0.12 -2.88 13.57
N VAL A 233 0.73 -1.73 13.42
CA VAL A 233 0.37 -0.86 12.32
C VAL A 233 1.60 -0.13 11.79
N TRP A 234 1.60 0.08 10.48
CA TRP A 234 2.72 0.76 9.90
C TRP A 234 2.39 1.38 8.57
N CYS A 235 3.43 1.74 7.83
CA CYS A 235 3.28 2.55 6.65
C CYS A 235 3.79 1.89 5.41
N GLU A 236 3.23 2.27 4.28
CA GLU A 236 3.83 1.97 3.00
C GLU A 236 3.91 3.26 2.19
N TYR A 237 5.04 3.44 1.54
CA TYR A 237 5.36 4.68 0.85
C TYR A 237 5.79 4.26 -0.53
N PHE A 238 5.42 5.02 -1.55
CA PHE A 238 5.79 4.63 -2.88
C PHE A 238 7.05 5.28 -3.36
N SER A 239 8.09 4.47 -3.57
CA SER A 239 9.39 4.96 -4.00
C SER A 239 9.50 4.96 -5.49
N ASN A 240 9.40 6.14 -6.09
CA ASN A 240 9.46 6.24 -7.54
C ASN A 240 10.82 5.79 -8.03
N PHE A 241 11.81 5.85 -7.15
CA PHE A 241 13.12 5.36 -7.52
C PHE A 241 13.21 3.84 -7.55
N LEU A 242 12.40 3.15 -6.76
CA LEU A 242 12.39 1.70 -6.71
C LEU A 242 11.09 1.24 -7.32
N ASN A 243 10.63 1.95 -8.32
CA ASN A 243 9.20 2.14 -8.43
C ASN A 243 8.29 0.95 -7.99
N ARG A 244 8.15 0.82 -6.68
CA ARG A 244 7.27 -0.14 -6.01
C ARG A 244 6.87 0.50 -4.69
N TRP A 245 5.99 -0.14 -3.93
CA TRP A 245 5.78 0.29 -2.55
C TRP A 245 6.92 -0.15 -1.63
N VAL A 246 7.30 0.71 -0.69
CA VAL A 246 8.33 0.40 0.31
C VAL A 246 7.74 0.44 1.72
N HIS A 247 8.21 -0.48 2.56
CA HIS A 247 7.65 -0.72 3.87
C HIS A 247 8.32 0.25 4.79
N VAL A 248 7.56 1.09 5.46
CA VAL A 248 8.14 2.02 6.40
C VAL A 248 7.50 1.79 7.76
N ASP A 249 8.33 1.54 8.79
CA ASP A 249 7.83 1.41 10.18
C ASP A 249 8.59 2.36 11.09
N SER A 250 7.86 3.35 11.58
CA SER A 250 8.44 4.49 12.30
C SER A 250 8.97 4.09 13.62
N CYS A 251 8.20 3.26 14.34
CA CYS A 251 8.59 2.70 15.63
C CYS A 251 9.95 2.07 15.58
N GLU A 252 10.20 1.26 14.56
CA GLU A 252 11.48 0.60 14.43
C GLU A 252 12.42 1.37 13.54
N GLN A 253 12.17 2.65 13.33
CA GLN A 253 12.98 3.45 12.42
C GLN A 253 13.44 2.65 11.16
N SER A 254 12.57 1.81 10.64
CA SER A 254 12.94 0.86 9.60
C SER A 254 12.47 1.31 8.22
N PHE A 255 13.30 1.04 7.20
CA PHE A 255 12.98 1.48 5.85
C PHE A 255 12.55 0.41 4.87
N ASP A 256 13.29 -0.65 4.65
CA ASP A 256 12.78 -1.53 3.63
C ASP A 256 12.92 -2.94 4.09
N GLN A 257 12.11 -3.28 5.10
CA GLN A 257 12.39 -4.46 5.91
C GLN A 257 11.16 -5.23 6.30
N PRO A 258 10.26 -5.48 5.34
CA PRO A 258 8.97 -6.15 5.60
C PRO A 258 9.06 -7.48 6.33
N TYR A 259 10.24 -8.10 6.30
CA TYR A 259 10.44 -9.36 6.97
C TYR A 259 10.50 -9.17 8.49
N ILE A 260 11.08 -8.03 8.90
CA ILE A 260 11.13 -7.58 10.29
C ILE A 260 10.18 -8.33 11.20
N TYR A 261 8.89 -8.22 10.94
CA TYR A 261 7.88 -8.83 11.81
C TYR A 261 7.96 -10.37 11.78
N SER A 262 7.73 -10.92 10.60
CA SER A 262 7.67 -12.36 10.45
C SER A 262 8.93 -13.06 10.87
N ILE A 263 10.09 -12.59 10.44
CA ILE A 263 11.30 -13.32 10.79
C ILE A 263 12.04 -12.73 12.00
N ASN A 264 12.50 -11.47 11.96
CA ASN A 264 13.31 -10.94 13.08
C ASN A 264 12.60 -11.10 14.39
N TRP A 265 11.40 -10.57 14.48
CA TRP A 265 10.59 -10.65 15.70
C TRP A 265 10.03 -12.07 15.92
N ASN A 266 9.90 -12.84 14.85
CA ASN A 266 9.26 -14.14 14.93
C ASN A 266 7.81 -14.01 15.37
N LYS A 267 7.17 -12.93 14.96
CA LYS A 267 5.75 -12.77 15.15
C LYS A 267 4.96 -13.73 14.25
N LYS A 268 3.88 -14.26 14.78
CA LYS A 268 2.96 -15.03 13.97
C LYS A 268 1.91 -14.05 13.47
N MET A 269 1.59 -14.03 12.17
CA MET A 269 0.53 -13.16 11.59
C MET A 269 -0.41 -13.88 10.67
N SER A 270 -1.64 -13.40 10.51
CA SER A 270 -2.62 -13.99 9.55
C SER A 270 -2.89 -13.09 8.32
N TYR A 271 -3.43 -11.87 8.55
CA TYR A 271 -3.71 -10.91 7.48
C TYR A 271 -2.97 -9.55 7.59
N CYS A 272 -2.65 -8.94 6.45
CA CYS A 272 -2.23 -7.54 6.41
C CYS A 272 -2.92 -6.76 5.31
N ILE A 273 -3.49 -5.61 5.69
CA ILE A 273 -4.24 -4.77 4.78
C ILE A 273 -3.68 -3.35 4.71
N ALA A 274 -3.52 -2.82 3.51
CA ALA A 274 -3.09 -1.44 3.28
C ALA A 274 -4.33 -0.58 3.03
N PHE A 275 -4.22 0.70 3.37
CA PHE A 275 -5.30 1.66 3.19
C PHE A 275 -4.68 2.95 2.69
N GLY A 276 -5.30 3.60 1.70
CA GLY A 276 -4.80 4.86 1.12
C GLY A 276 -5.82 5.58 0.25
N LYS A 277 -5.54 6.82 -0.14
CA LYS A 277 -6.52 7.59 -0.91
C LYS A 277 -6.89 6.86 -2.18
N ASP A 278 -5.93 6.10 -2.70
CA ASP A 278 -6.06 5.49 -4.01
C ASP A 278 -6.67 4.11 -3.99
N GLY A 279 -6.60 3.45 -2.84
CA GLY A 279 -7.22 2.13 -2.70
C GLY A 279 -6.97 1.38 -1.41
N VAL A 280 -7.53 0.17 -1.32
CA VAL A 280 -7.27 -0.77 -0.25
C VAL A 280 -6.77 -2.07 -0.87
N VAL A 281 -5.66 -2.61 -0.36
CA VAL A 281 -5.01 -3.76 -0.98
C VAL A 281 -4.47 -4.77 0.06
N ASP A 282 -4.61 -6.06 -0.26
CA ASP A 282 -4.16 -7.08 0.68
C ASP A 282 -2.70 -7.18 0.45
N VAL A 283 -1.93 -6.85 1.47
CA VAL A 283 -0.47 -6.83 1.35
C VAL A 283 0.18 -7.92 2.20
N SER A 284 -0.61 -8.94 2.53
CA SER A 284 -0.18 -9.98 3.45
C SER A 284 1.07 -10.58 2.96
N LYS A 285 1.03 -10.94 1.70
CA LYS A 285 2.08 -11.68 1.08
C LYS A 285 3.43 -10.97 1.19
N ARG A 286 3.44 -9.66 1.43
CA ARG A 286 4.70 -8.93 1.57
C ARG A 286 5.35 -9.20 2.90
N TYR A 287 4.51 -9.54 3.87
CA TYR A 287 4.89 -9.51 5.26
C TYR A 287 4.87 -10.86 5.94
N ILE A 288 3.87 -11.68 5.57
CA ILE A 288 3.60 -12.92 6.25
C ILE A 288 4.38 -14.00 5.58
N LEU A 289 5.68 -14.00 5.76
CA LEU A 289 6.52 -14.85 4.96
C LEU A 289 7.14 -15.97 5.82
N GLN A 290 6.33 -16.49 6.76
CA GLN A 290 6.65 -17.61 7.73
C GLN A 290 5.94 -17.34 9.06
N ASN A 291 5.81 -18.36 9.90
CA ASN A 291 4.91 -18.33 11.07
C ASN A 291 3.52 -17.91 10.63
N GLU A 292 3.11 -18.37 9.46
CA GLU A 292 1.84 -18.01 8.93
C GLU A 292 0.77 -18.58 9.83
N LEU A 293 -0.20 -17.76 10.18
CA LEU A 293 -1.35 -18.22 10.93
C LEU A 293 -2.41 -18.55 9.91
N PRO A 294 -3.34 -19.42 10.27
CA PRO A 294 -4.53 -19.67 9.52
C PRO A 294 -5.25 -18.40 9.20
N ARG A 295 -5.50 -18.17 7.91
CA ARG A 295 -6.43 -17.15 7.42
C ARG A 295 -7.79 -17.81 7.44
N ASP A 296 -8.60 -17.48 8.42
CA ASP A 296 -9.84 -18.23 8.66
C ASP A 296 -10.94 -17.25 9.00
N GLN A 297 -10.89 -16.10 8.35
CA GLN A 297 -11.70 -15.00 8.77
C GLN A 297 -12.69 -14.61 7.71
N ILE A 298 -12.44 -15.02 6.48
CA ILE A 298 -13.18 -14.50 5.37
C ILE A 298 -12.77 -15.24 4.14
N LYS A 299 -13.74 -15.76 3.40
CA LYS A 299 -13.52 -16.44 2.13
C LYS A 299 -12.59 -15.60 1.24
N GLU A 300 -11.46 -16.18 0.82
CA GLU A 300 -10.42 -15.41 0.17
C GLU A 300 -10.96 -14.69 -1.06
N GLU A 301 -11.81 -15.41 -1.80
CA GLU A 301 -12.59 -14.84 -2.90
C GLU A 301 -13.29 -13.56 -2.45
N ASP A 302 -14.00 -13.59 -1.33
CA ASP A 302 -14.74 -12.39 -0.87
C ASP A 302 -13.85 -11.20 -0.51
N LEU A 303 -12.69 -11.47 0.07
CA LEU A 303 -11.73 -10.42 0.41
C LEU A 303 -11.25 -9.70 -0.84
N LYS A 304 -10.84 -10.48 -1.85
CA LYS A 304 -10.46 -9.91 -3.13
C LYS A 304 -11.55 -8.95 -3.55
N PHE A 305 -12.77 -9.45 -3.59
CA PHE A 305 -13.86 -8.66 -4.05
C PHE A 305 -13.98 -7.41 -3.23
N LEU A 306 -13.92 -7.58 -1.91
CA LEU A 306 -14.11 -6.47 -0.98
C LEU A 306 -13.20 -5.30 -1.29
N CYS A 307 -11.90 -5.54 -1.29
CA CYS A 307 -10.94 -4.53 -1.71
C CYS A 307 -11.25 -3.88 -3.03
N GLN A 308 -11.57 -4.70 -4.01
CA GLN A 308 -11.69 -4.23 -5.38
C GLN A 308 -12.83 -3.25 -5.47
N PHE A 309 -13.93 -3.62 -4.83
CA PHE A 309 -15.12 -2.81 -4.76
C PHE A 309 -14.91 -1.48 -4.04
N ILE A 310 -14.05 -1.48 -3.02
CA ILE A 310 -13.75 -0.25 -2.28
C ILE A 310 -12.77 0.61 -3.07
N THR A 311 -11.72 -0.02 -3.58
CA THR A 311 -10.78 0.65 -4.45
C THR A 311 -11.56 1.29 -5.60
N LYS A 312 -12.36 0.49 -6.30
CA LYS A 312 -13.21 1.01 -7.36
C LYS A 312 -14.05 2.21 -6.90
N ARG A 313 -14.73 2.09 -5.75
CA ARG A 313 -15.54 3.20 -5.24
C ARG A 313 -14.69 4.44 -4.98
N LEU A 314 -13.46 4.19 -4.54
CA LEU A 314 -12.57 5.26 -4.16
C LEU A 314 -12.13 6.06 -5.35
N ARG A 315 -12.54 5.67 -6.56
CA ARG A 315 -12.03 6.29 -7.79
C ARG A 315 -13.08 6.75 -8.85
N TYR A 316 -14.34 6.99 -8.46
CA TYR A 316 -15.37 7.41 -9.43
C TYR A 316 -14.99 8.74 -10.02
N SER A 317 -14.50 9.64 -9.18
CA SER A 317 -14.19 10.97 -9.64
C SER A 317 -12.79 11.11 -10.27
N LEU A 318 -12.06 10.02 -10.48
CA LEU A 318 -10.79 10.13 -11.20
C LEU A 318 -11.09 10.13 -12.69
N ASN A 319 -10.10 10.52 -13.49
CA ASN A 319 -10.27 10.52 -14.94
C ASN A 319 -9.59 9.33 -15.57
N ASP A 320 -9.93 9.05 -16.82
CA ASP A 320 -9.45 7.85 -17.52
C ASP A 320 -7.94 7.62 -17.45
N ASP A 321 -7.15 8.67 -17.56
CA ASP A 321 -5.69 8.54 -17.50
C ASP A 321 -5.28 8.14 -16.12
N GLU A 322 -6.03 8.59 -15.13
CA GLU A 322 -5.70 8.30 -13.74
C GLU A 322 -6.15 6.90 -13.43
N ILE A 323 -7.38 6.58 -13.79
CA ILE A 323 -7.91 5.27 -13.51
C ILE A 323 -6.96 4.20 -14.03
N TYR A 324 -6.41 4.40 -15.22
CA TYR A 324 -5.52 3.41 -15.83
C TYR A 324 -4.15 3.37 -15.19
N GLN A 325 -3.46 4.49 -15.13
CA GLN A 325 -2.11 4.49 -14.56
C GLN A 325 -2.11 3.85 -13.17
N LEU A 326 -3.12 4.14 -12.37
CA LEU A 326 -3.29 3.49 -11.07
C LEU A 326 -3.46 1.96 -11.16
N ALA A 327 -4.38 1.51 -12.01
CA ALA A 327 -4.66 0.09 -12.20
C ALA A 327 -3.41 -0.72 -12.53
N CYS A 328 -2.49 -0.11 -13.29
CA CYS A 328 -1.23 -0.75 -13.64
C CYS A 328 -0.27 -0.89 -12.49
N ARG A 329 -0.23 0.14 -11.64
CA ARG A 329 0.59 0.12 -10.46
C ARG A 329 0.11 -1.07 -9.64
N ASP A 330 -1.20 -1.16 -9.49
CA ASP A 330 -1.82 -2.23 -8.75
C ASP A 330 -1.39 -3.57 -9.28
N GLU A 331 -1.46 -3.71 -10.58
CA GLU A 331 -1.11 -4.95 -11.25
C GLU A 331 0.36 -5.26 -11.08
N GLN A 332 1.19 -4.26 -11.24
CA GLN A 332 2.61 -4.46 -10.96
C GLN A 332 2.80 -5.02 -9.56
N GLU A 333 1.97 -4.58 -8.62
CA GLU A 333 2.05 -5.04 -7.24
C GLU A 333 1.68 -6.50 -7.17
N GLN A 334 0.48 -6.85 -7.63
CA GLN A 334 0.05 -8.24 -7.64
C GLN A 334 1.15 -9.19 -8.08
N ILE A 335 1.78 -8.91 -9.20
CA ILE A 335 2.81 -9.79 -9.66
C ILE A 335 3.96 -9.83 -8.67
N GLU A 336 4.20 -8.75 -7.94
CA GLU A 336 5.30 -8.70 -6.97
C GLU A 336 4.98 -9.59 -5.80
N LEU A 337 3.72 -9.53 -5.38
CA LEU A 337 3.26 -10.32 -4.26
C LEU A 337 3.05 -11.74 -4.70
N ILE A 338 2.34 -11.95 -5.81
CA ILE A 338 2.08 -13.32 -6.30
C ILE A 338 3.39 -14.04 -6.43
N ARG A 339 4.37 -13.39 -7.02
CA ARG A 339 5.70 -13.96 -7.14
C ARG A 339 6.36 -13.76 -5.81
N GLY A 340 7.65 -14.05 -5.73
CA GLY A 340 8.37 -13.92 -4.46
C GLY A 340 9.24 -12.67 -4.35
N LYS A 341 9.19 -11.78 -5.35
CA LYS A 341 10.24 -10.74 -5.50
C LYS A 341 9.77 -9.40 -6.13
N THR A 342 10.68 -8.41 -6.03
CA THR A 342 10.64 -7.14 -6.78
C THR A 342 10.76 -7.35 -8.31
N GLN A 343 10.60 -6.25 -9.06
CA GLN A 343 10.70 -6.21 -10.55
C GLN A 343 9.32 -6.47 -11.25
N SER B 1 -10.24 -23.73 -26.15
CA SER B 1 -9.10 -22.80 -25.81
C SER B 1 -9.57 -21.87 -24.69
N ILE B 2 -8.68 -21.02 -24.13
CA ILE B 2 -7.22 -21.00 -24.36
C ILE B 2 -6.54 -21.40 -23.09
N GLY B 3 -5.34 -21.95 -23.20
CA GLY B 3 -4.56 -22.31 -22.00
C GLY B 3 -3.08 -22.03 -22.12
N LEU B 4 -2.60 -21.09 -21.33
CA LEU B 4 -1.19 -21.01 -21.13
C LEU B 4 -0.92 -21.10 -19.67
N THR B 5 0.35 -21.30 -19.34
CA THR B 5 0.75 -21.60 -17.99
C THR B 5 0.42 -20.40 -17.11
N VAL B 6 0.27 -20.66 -15.81
CA VAL B 6 0.08 -19.60 -14.84
C VAL B 6 1.31 -18.73 -14.89
N GLU B 7 2.49 -19.32 -14.90
CA GLU B 7 3.70 -18.51 -14.93
C GLU B 7 3.72 -17.51 -16.10
N ASP B 8 3.11 -17.86 -17.22
CA ASP B 8 3.12 -16.97 -18.41
C ASP B 8 2.07 -15.92 -18.26
N LEU B 9 0.84 -16.37 -18.02
CA LEU B 9 -0.23 -15.46 -17.65
C LEU B 9 0.24 -14.37 -16.70
N LEU B 10 1.09 -14.73 -15.75
CA LEU B 10 1.72 -13.72 -14.90
C LEU B 10 2.60 -12.82 -15.77
N SER B 11 3.75 -13.29 -16.22
CA SER B 11 4.66 -12.44 -17.01
C SER B 11 3.98 -11.72 -18.20
N LEU B 12 2.80 -12.15 -18.60
CA LEU B 12 2.01 -11.39 -19.56
C LEU B 12 1.40 -10.17 -18.89
N ARG B 13 0.60 -10.39 -17.86
CA ARG B 13 0.09 -9.29 -17.04
C ARG B 13 1.21 -8.35 -16.66
N GLN B 14 2.35 -8.91 -16.26
CA GLN B 14 3.47 -8.12 -15.80
C GLN B 14 3.81 -7.05 -16.77
N VAL B 15 3.94 -7.42 -18.05
CA VAL B 15 4.46 -6.48 -19.08
C VAL B 15 3.37 -5.62 -19.72
N VAL B 16 2.22 -6.22 -20.04
CA VAL B 16 1.10 -5.49 -20.58
C VAL B 16 0.59 -4.40 -19.62
N SER B 17 1.34 -4.14 -18.55
CA SER B 17 0.94 -3.18 -17.57
C SER B 17 2.12 -2.56 -16.88
N GLY B 18 3.32 -2.76 -17.41
CA GLY B 18 4.52 -2.48 -16.62
C GLY B 18 5.82 -2.40 -17.39
N ASN B 19 5.83 -3.01 -18.56
CA ASN B 19 6.90 -2.84 -19.52
C ASN B 19 6.37 -3.17 -20.90
N PRO B 20 5.55 -2.26 -21.47
CA PRO B 20 4.82 -2.62 -22.69
C PRO B 20 5.73 -2.69 -23.88
N GLU B 21 6.89 -2.05 -23.76
CA GLU B 21 7.96 -2.21 -24.74
C GLU B 21 8.23 -3.71 -25.03
N ALA B 22 8.27 -4.54 -23.99
CA ALA B 22 8.59 -5.96 -24.14
C ALA B 22 7.38 -6.86 -24.48
N LEU B 23 6.21 -6.30 -24.79
CA LEU B 23 5.04 -7.15 -25.09
C LEU B 23 5.24 -7.92 -26.42
N ALA B 24 5.85 -7.27 -27.41
CA ALA B 24 6.10 -7.93 -28.71
C ALA B 24 6.97 -9.18 -28.52
N PRO B 25 8.23 -8.99 -28.07
CA PRO B 25 9.08 -10.17 -27.88
C PRO B 25 8.52 -11.26 -26.95
N LEU B 26 7.62 -10.90 -26.03
CA LEU B 26 7.01 -11.91 -25.15
C LEU B 26 5.99 -12.71 -25.95
N LEU B 27 5.25 -12.03 -26.80
CA LEU B 27 4.38 -12.73 -27.71
C LEU B 27 5.17 -13.60 -28.70
N GLU B 28 6.36 -13.12 -29.11
CA GLU B 28 7.30 -13.96 -29.87
C GLU B 28 7.46 -15.26 -29.12
N ASN B 29 7.87 -15.15 -27.86
CA ASN B 29 8.22 -16.29 -27.05
C ASN B 29 7.10 -17.24 -26.72
N ILE B 30 5.86 -16.82 -26.90
CA ILE B 30 4.71 -17.63 -26.53
C ILE B 30 4.31 -18.50 -27.68
N SER B 31 4.32 -17.94 -28.88
CA SER B 31 4.02 -18.74 -30.06
C SER B 31 5.21 -19.66 -30.28
N ALA B 32 6.38 -19.20 -29.84
CA ALA B 32 7.58 -20.03 -29.80
C ALA B 32 7.27 -21.34 -29.08
N ARG B 33 6.85 -21.24 -27.82
CA ARG B 33 6.65 -22.38 -26.94
C ARG B 33 5.24 -23.05 -27.05
N TYR B 34 4.23 -22.34 -27.57
CA TYR B 34 2.88 -22.91 -27.74
C TYR B 34 2.50 -22.99 -29.22
N PRO B 35 2.70 -24.16 -29.86
CA PRO B 35 2.21 -24.42 -31.21
C PRO B 35 0.81 -23.88 -31.53
N GLN B 36 -0.21 -24.35 -30.81
CA GLN B 36 -1.63 -24.10 -31.16
C GLN B 36 -2.06 -22.63 -31.05
N LEU B 37 -1.21 -21.82 -30.43
CA LEU B 37 -1.42 -20.37 -30.35
C LEU B 37 -0.61 -19.62 -31.45
N ARG B 38 0.37 -20.28 -32.07
CA ARG B 38 0.98 -19.78 -33.30
C ARG B 38 -0.07 -19.86 -34.43
N GLU B 39 -1.01 -20.80 -34.31
CA GLU B 39 -2.10 -20.97 -35.27
C GLU B 39 -3.22 -19.98 -35.06
N HIS B 40 -3.62 -19.77 -33.81
CA HIS B 40 -4.64 -18.78 -33.50
C HIS B 40 -4.20 -17.36 -33.87
N ILE B 41 -2.94 -17.03 -33.60
CA ILE B 41 -2.38 -15.70 -33.91
C ILE B 41 -2.62 -15.36 -35.39
N MET B 42 -2.04 -16.18 -36.26
CA MET B 42 -2.20 -16.02 -37.72
C MET B 42 -3.67 -16.10 -38.14
N ALA B 43 -4.31 -17.23 -37.86
CA ALA B 43 -5.69 -17.51 -38.34
C ALA B 43 -6.65 -16.39 -37.98
N ASN B 44 -6.47 -15.77 -36.81
CA ASN B 44 -7.10 -14.49 -36.53
C ASN B 44 -6.55 -13.87 -35.24
N PRO B 45 -5.75 -12.79 -35.37
CA PRO B 45 -5.14 -12.20 -34.17
C PRO B 45 -6.14 -11.44 -33.32
N GLU B 46 -7.23 -10.98 -33.93
CA GLU B 46 -8.24 -10.20 -33.22
C GLU B 46 -9.03 -11.04 -32.21
N VAL B 47 -9.28 -12.32 -32.55
CA VAL B 47 -9.82 -13.25 -31.56
C VAL B 47 -8.74 -13.54 -30.52
N PHE B 48 -7.54 -13.86 -30.98
CA PHE B 48 -6.41 -14.18 -30.12
C PHE B 48 -6.11 -13.10 -29.09
N VAL B 49 -6.36 -11.84 -29.44
CA VAL B 49 -6.21 -10.72 -28.49
C VAL B 49 -7.31 -10.74 -27.41
N SER B 50 -8.55 -10.99 -27.82
CA SER B 50 -9.67 -10.94 -26.87
C SER B 50 -9.77 -12.21 -26.01
N MET B 51 -9.28 -13.34 -26.52
CA MET B 51 -9.11 -14.55 -25.72
C MET B 51 -8.08 -14.25 -24.66
N LEU B 52 -6.99 -13.62 -25.12
CA LEU B 52 -5.89 -13.27 -24.27
C LEU B 52 -6.36 -12.36 -23.16
N LEU B 53 -7.26 -11.42 -23.45
CA LEU B 53 -7.75 -10.51 -22.41
C LEU B 53 -8.54 -11.27 -21.32
N GLU B 54 -8.42 -12.61 -21.27
CA GLU B 54 -9.06 -13.38 -20.20
C GLU B 54 -8.13 -13.89 -19.09
N ALA B 55 -7.01 -13.21 -18.83
CA ALA B 55 -6.26 -13.43 -17.60
C ALA B 55 -5.47 -12.19 -17.25
#